data_2M3Z
#
_entry.id   2M3Z
#
loop_
_entity.id
_entity.type
_entity.pdbx_description
1 polymer 'NUCLEOCAPSID PROTEIN P7'
2 non-polymer 'ZINC ION'
3 non-polymer '(3E)-3-{(2Z)-[(5Z)-5-(furan-2-ylmethylidene)-4-oxo-1,3-thiazolidin-2-ylidene]hydrazinylidene}-2-oxo-2,3-dihydro-1H-indole-5-sulfonic acid'
#
_entity_poly.entity_id   1
_entity_poly.type   'polypeptide(L)'
_entity_poly.pdbx_seq_one_letter_code
;IQKGNFRNQRKTVKCFNCGKEGHIAKNCRAPRKKGCWKCGKEGHQMKDCTERQAN
;
_entity_poly.pdbx_strand_id   A
#
# COMPACT_ATOMS: atom_id res chain seq x y z
N ILE A 1 -17.28 5.49 -0.12
CA ILE A 1 -16.43 4.78 -1.13
C ILE A 1 -15.07 4.40 -0.52
N GLN A 2 -14.49 3.27 -0.94
CA GLN A 2 -13.15 2.79 -0.54
C GLN A 2 -12.65 1.75 -1.56
N LYS A 3 -11.34 1.69 -1.78
CA LYS A 3 -10.73 0.76 -2.75
C LYS A 3 -10.16 -0.51 -2.07
N GLY A 4 -9.66 -0.38 -0.84
CA GLY A 4 -9.13 -1.48 -0.01
C GLY A 4 -10.12 -1.97 1.04
N ASN A 5 -9.71 -2.97 1.81
CA ASN A 5 -10.44 -3.45 3.00
C ASN A 5 -10.59 -2.34 4.06
N PHE A 6 -9.58 -1.47 4.18
CA PHE A 6 -9.50 -0.37 5.14
C PHE A 6 -10.09 0.94 4.59
N ARG A 7 -10.33 1.88 5.50
CA ARG A 7 -10.78 3.25 5.23
C ARG A 7 -9.67 4.13 4.60
N ASN A 8 -9.35 3.86 3.34
CA ASN A 8 -8.34 4.58 2.54
C ASN A 8 -8.91 5.77 1.72
N GLN A 9 -10.23 5.97 1.74
CA GLN A 9 -10.93 7.11 1.13
C GLN A 9 -12.11 7.55 2.01
N ARG A 10 -12.87 6.57 2.53
CA ARG A 10 -13.97 6.70 3.50
C ARG A 10 -13.51 7.45 4.76
N LYS A 11 -13.82 8.75 4.85
CA LYS A 11 -13.41 9.71 5.89
C LYS A 11 -11.89 10.00 5.90
N THR A 12 -11.06 8.98 6.11
CA THR A 12 -9.58 9.05 6.20
C THR A 12 -8.92 8.54 4.92
N VAL A 13 -7.62 8.81 4.80
CA VAL A 13 -6.70 8.25 3.80
C VAL A 13 -5.55 7.54 4.54
N LYS A 14 -5.10 6.37 4.04
CA LYS A 14 -4.18 5.48 4.75
C LYS A 14 -3.02 5.01 3.84
N CYS A 15 -1.77 5.16 4.29
CA CYS A 15 -0.57 4.74 3.55
C CYS A 15 -0.46 3.21 3.41
N PHE A 16 -0.01 2.74 2.24
CA PHE A 16 0.22 1.33 1.96
C PHE A 16 1.59 0.83 2.48
N ASN A 17 2.59 1.70 2.62
CA ASN A 17 3.94 1.31 3.06
C ASN A 17 4.03 1.15 4.59
N CYS A 18 3.70 2.20 5.37
CA CYS A 18 3.84 2.18 6.84
C CYS A 18 2.53 1.91 7.59
N GLY A 19 1.37 2.05 6.93
CA GLY A 19 0.05 1.73 7.48
C GLY A 19 -0.63 2.87 8.24
N LYS A 20 0.03 4.00 8.47
CA LYS A 20 -0.54 5.15 9.18
C LYS A 20 -1.41 6.05 8.28
N GLU A 21 -2.39 6.71 8.89
CA GLU A 21 -3.27 7.70 8.28
C GLU A 21 -2.65 9.06 7.93
N GLY A 22 -3.45 9.83 7.19
CA GLY A 22 -3.21 11.25 6.89
C GLY A 22 -2.32 11.51 5.68
N HIS A 23 -1.88 10.45 4.99
CA HIS A 23 -0.97 10.52 3.85
C HIS A 23 -1.04 9.27 2.96
N ILE A 24 -0.28 9.28 1.86
CA ILE A 24 -0.09 8.20 0.88
C ILE A 24 1.40 7.92 0.71
N ALA A 25 1.79 6.74 0.22
CA ALA A 25 3.20 6.36 0.09
C ALA A 25 4.06 7.30 -0.77
N LYS A 26 3.45 8.00 -1.74
CA LYS A 26 4.10 9.05 -2.55
C LYS A 26 4.53 10.28 -1.72
N ASN A 27 3.78 10.56 -0.65
CA ASN A 27 3.97 11.66 0.30
C ASN A 27 4.73 11.20 1.57
N CYS A 28 4.74 9.89 1.85
CA CYS A 28 5.41 9.25 3.00
C CYS A 28 6.93 9.50 3.06
N ARG A 29 7.46 9.50 4.29
CA ARG A 29 8.89 9.65 4.62
C ARG A 29 9.51 8.37 5.24
N ALA A 30 8.73 7.29 5.44
CA ALA A 30 9.24 6.01 5.96
C ALA A 30 10.15 5.30 4.95
N PRO A 31 11.06 4.41 5.40
CA PRO A 31 11.93 3.64 4.51
C PRO A 31 11.11 2.68 3.63
N ARG A 32 11.54 2.52 2.38
CA ARG A 32 10.84 1.74 1.36
C ARG A 32 11.43 0.32 1.26
N LYS A 33 10.52 -0.66 1.23
CA LYS A 33 10.80 -2.10 1.35
C LYS A 33 11.56 -2.69 0.14
N LYS A 34 11.91 -3.98 0.21
CA LYS A 34 12.47 -4.77 -0.91
C LYS A 34 11.39 -5.41 -1.82
N GLY A 35 10.16 -4.90 -1.73
CA GLY A 35 8.98 -5.43 -2.42
C GLY A 35 7.75 -4.52 -2.39
N CYS A 36 6.71 -4.98 -3.07
CA CYS A 36 5.42 -4.32 -3.28
C CYS A 36 4.67 -3.99 -1.99
N TRP A 37 4.06 -2.81 -1.90
CA TRP A 37 3.17 -2.43 -0.80
C TRP A 37 1.73 -2.93 -0.99
N LYS A 38 1.33 -3.30 -2.21
CA LYS A 38 -0.05 -3.69 -2.55
C LYS A 38 -0.31 -5.21 -2.41
N CYS A 39 0.67 -6.07 -2.73
CA CYS A 39 0.58 -7.53 -2.47
C CYS A 39 1.61 -8.09 -1.47
N GLY A 40 2.71 -7.38 -1.22
CA GLY A 40 3.76 -7.77 -0.26
C GLY A 40 4.94 -8.54 -0.86
N LYS A 41 4.86 -9.00 -2.11
CA LYS A 41 5.90 -9.81 -2.77
C LYS A 41 7.09 -8.97 -3.28
N GLU A 42 8.27 -9.59 -3.36
CA GLU A 42 9.52 -8.94 -3.79
C GLU A 42 9.64 -8.76 -5.32
N GLY A 43 10.59 -7.92 -5.74
CA GLY A 43 11.03 -7.81 -7.14
C GLY A 43 10.25 -6.87 -8.07
N HIS A 44 9.27 -6.11 -7.56
CA HIS A 44 8.47 -5.18 -8.36
C HIS A 44 7.91 -3.99 -7.56
N GLN A 45 7.56 -2.91 -8.28
CA GLN A 45 6.80 -1.76 -7.77
C GLN A 45 5.31 -2.00 -8.03
N MET A 46 4.43 -1.49 -7.15
CA MET A 46 3.00 -1.82 -7.19
C MET A 46 2.22 -1.31 -8.42
N LYS A 47 2.79 -0.46 -9.27
CA LYS A 47 2.23 -0.12 -10.59
C LYS A 47 2.50 -1.18 -11.68
N ASP A 48 3.51 -2.03 -11.51
CA ASP A 48 3.76 -3.21 -12.36
C ASP A 48 2.92 -4.43 -11.90
N CYS A 49 2.32 -4.35 -10.71
CA CYS A 49 1.44 -5.35 -10.12
C CYS A 49 0.02 -5.31 -10.72
N THR A 50 -0.09 -5.71 -11.99
CA THR A 50 -1.32 -5.68 -12.81
C THR A 50 -1.91 -7.07 -13.10
N GLU A 51 -1.15 -8.14 -12.89
CA GLU A 51 -1.55 -9.53 -13.21
C GLU A 51 -2.66 -10.07 -12.29
N ARG A 52 -3.45 -11.01 -12.83
CA ARG A 52 -4.57 -11.67 -12.12
C ARG A 52 -4.07 -12.67 -11.06
N GLN A 53 -4.88 -12.88 -10.02
CA GLN A 53 -4.67 -13.93 -9.02
C GLN A 53 -5.13 -15.30 -9.56
N ALA A 54 -4.67 -16.39 -8.91
CA ALA A 54 -4.97 -17.77 -9.27
C ALA A 54 -4.85 -18.73 -8.07
N ASN A 55 -5.41 -19.94 -8.20
CA ASN A 55 -5.43 -21.00 -7.17
C ASN A 55 -5.56 -22.39 -7.82
N ILE A 1 -9.12 -14.67 12.02
CA ILE A 1 -9.72 -13.30 12.09
C ILE A 1 -8.67 -12.23 11.71
N GLN A 2 -9.10 -11.11 11.12
CA GLN A 2 -8.25 -9.99 10.71
C GLN A 2 -9.10 -8.71 10.64
N LYS A 3 -8.44 -7.54 10.72
CA LYS A 3 -9.11 -6.22 10.78
C LYS A 3 -9.88 -5.82 9.50
N GLY A 4 -9.59 -6.46 8.37
CA GLY A 4 -10.21 -6.19 7.05
C GLY A 4 -9.70 -4.90 6.41
N ASN A 5 -10.44 -4.39 5.42
CA ASN A 5 -10.12 -3.14 4.73
C ASN A 5 -10.25 -1.92 5.66
N PHE A 6 -9.20 -1.10 5.73
CA PHE A 6 -9.17 0.15 6.52
C PHE A 6 -9.88 1.30 5.81
N ARG A 7 -10.22 2.37 6.55
CA ARG A 7 -10.83 3.60 6.03
C ARG A 7 -9.78 4.46 5.28
N ASN A 8 -9.38 3.99 4.10
CA ASN A 8 -8.40 4.64 3.21
C ASN A 8 -9.03 5.34 1.99
N GLN A 9 -10.34 5.15 1.77
CA GLN A 9 -11.10 5.74 0.65
C GLN A 9 -12.05 6.83 1.16
N ARG A 10 -12.99 6.49 2.05
CA ARG A 10 -13.98 7.41 2.62
C ARG A 10 -13.38 8.21 3.79
N LYS A 11 -13.48 9.54 3.72
CA LYS A 11 -13.10 10.53 4.74
C LYS A 11 -11.57 10.62 4.99
N THR A 12 -10.98 9.58 5.58
CA THR A 12 -9.54 9.45 5.89
C THR A 12 -8.78 8.74 4.77
N VAL A 13 -7.46 8.77 4.84
CA VAL A 13 -6.52 8.12 3.89
C VAL A 13 -5.38 7.48 4.69
N LYS A 14 -4.96 6.28 4.30
CA LYS A 14 -3.91 5.49 4.97
C LYS A 14 -2.84 4.99 3.99
N CYS A 15 -1.56 5.16 4.33
CA CYS A 15 -0.41 4.71 3.54
C CYS A 15 -0.31 3.19 3.41
N PHE A 16 0.08 2.71 2.21
CA PHE A 16 0.32 1.29 1.94
C PHE A 16 1.72 0.82 2.36
N ASN A 17 2.71 1.73 2.47
CA ASN A 17 4.09 1.39 2.84
C ASN A 17 4.25 1.18 4.37
N CYS A 18 3.83 2.14 5.20
CA CYS A 18 4.01 2.09 6.66
C CYS A 18 2.72 1.82 7.46
N GLY A 19 1.54 1.92 6.82
CA GLY A 19 0.24 1.57 7.40
C GLY A 19 -0.42 2.69 8.22
N LYS A 20 0.12 3.91 8.20
CA LYS A 20 -0.36 5.05 9.00
C LYS A 20 -1.18 6.07 8.20
N GLU A 21 -2.10 6.74 8.89
CA GLU A 21 -3.03 7.75 8.37
C GLU A 21 -2.39 9.08 7.94
N GLY A 22 -3.21 9.88 7.25
CA GLY A 22 -2.95 11.30 6.92
C GLY A 22 -2.05 11.54 5.71
N HIS A 23 -1.66 10.48 4.98
CA HIS A 23 -0.69 10.54 3.89
C HIS A 23 -0.77 9.28 2.98
N ILE A 24 0.00 9.28 1.89
CA ILE A 24 0.15 8.17 0.94
C ILE A 24 1.64 7.87 0.71
N ALA A 25 1.98 6.69 0.21
CA ALA A 25 3.39 6.28 0.04
C ALA A 25 4.22 7.24 -0.84
N LYS A 26 3.58 7.97 -1.76
CA LYS A 26 4.20 9.00 -2.61
C LYS A 26 4.80 10.18 -1.81
N ASN A 27 4.11 10.63 -0.75
CA ASN A 27 4.54 11.72 0.14
C ASN A 27 4.94 11.25 1.56
N CYS A 28 4.90 9.94 1.82
CA CYS A 28 5.45 9.27 3.02
C CYS A 28 6.93 9.62 3.29
N ARG A 29 7.32 9.61 4.56
CA ARG A 29 8.68 9.88 5.05
C ARG A 29 9.35 8.63 5.68
N ALA A 30 8.66 7.49 5.78
CA ALA A 30 9.23 6.24 6.28
C ALA A 30 10.09 5.54 5.21
N PRO A 31 11.03 4.64 5.60
CA PRO A 31 11.80 3.84 4.65
C PRO A 31 10.88 2.89 3.87
N ARG A 32 11.16 2.71 2.58
CA ARG A 32 10.37 1.88 1.66
C ARG A 32 10.90 0.44 1.58
N LYS A 33 9.97 -0.50 1.49
CA LYS A 33 10.20 -1.95 1.45
C LYS A 33 11.04 -2.44 0.24
N LYS A 34 11.49 -3.69 0.27
CA LYS A 34 12.17 -4.39 -0.83
C LYS A 34 11.18 -5.12 -1.77
N GLY A 35 9.92 -4.69 -1.79
CA GLY A 35 8.81 -5.32 -2.52
C GLY A 35 7.53 -4.48 -2.59
N CYS A 36 6.55 -5.03 -3.28
CA CYS A 36 5.23 -4.46 -3.56
C CYS A 36 4.43 -4.15 -2.29
N TRP A 37 3.80 -2.98 -2.23
CA TRP A 37 2.87 -2.61 -1.17
C TRP A 37 1.46 -3.18 -1.36
N LYS A 38 1.09 -3.59 -2.59
CA LYS A 38 -0.29 -3.96 -2.95
C LYS A 38 -0.56 -5.48 -2.94
N CYS A 39 0.46 -6.33 -3.14
CA CYS A 39 0.37 -7.79 -2.92
C CYS A 39 1.39 -8.37 -1.92
N GLY A 40 2.47 -7.63 -1.63
CA GLY A 40 3.50 -8.01 -0.64
C GLY A 40 4.72 -8.74 -1.21
N LYS A 41 4.71 -9.15 -2.48
CA LYS A 41 5.81 -9.91 -3.12
C LYS A 41 7.02 -9.02 -3.46
N GLU A 42 8.21 -9.61 -3.51
CA GLU A 42 9.49 -8.89 -3.63
C GLU A 42 9.76 -8.29 -5.02
N GLY A 43 10.70 -7.33 -5.07
CA GLY A 43 11.30 -6.79 -6.30
C GLY A 43 10.46 -5.73 -7.02
N HIS A 44 9.23 -6.08 -7.42
CA HIS A 44 8.41 -5.24 -8.30
C HIS A 44 7.70 -4.06 -7.58
N GLN A 45 7.29 -3.07 -8.37
CA GLN A 45 6.45 -1.94 -7.92
C GLN A 45 4.97 -2.22 -8.19
N MET A 46 4.08 -1.69 -7.36
CA MET A 46 2.64 -1.99 -7.44
C MET A 46 1.94 -1.51 -8.73
N LYS A 47 2.53 -0.61 -9.53
CA LYS A 47 2.04 -0.28 -10.88
C LYS A 47 2.49 -1.27 -11.97
N ASP A 48 3.59 -2.00 -11.77
CA ASP A 48 4.00 -3.12 -12.63
C ASP A 48 3.22 -4.40 -12.28
N CYS A 49 2.82 -4.52 -11.01
CA CYS A 49 1.92 -5.56 -10.49
C CYS A 49 0.52 -5.53 -11.11
N THR A 50 -0.11 -6.71 -11.21
CA THR A 50 -1.44 -6.96 -11.81
C THR A 50 -2.42 -7.67 -10.88
N GLU A 51 -1.98 -8.24 -9.75
CA GLU A 51 -2.82 -9.05 -8.86
C GLU A 51 -3.36 -8.25 -7.67
N ARG A 52 -4.63 -8.44 -7.34
CA ARG A 52 -5.41 -7.63 -6.38
C ARG A 52 -6.34 -8.47 -5.48
N GLN A 53 -6.34 -9.80 -5.63
CA GLN A 53 -7.20 -10.73 -4.89
C GLN A 53 -6.82 -10.80 -3.39
N ALA A 54 -7.81 -11.03 -2.52
CA ALA A 54 -7.63 -11.08 -1.07
C ALA A 54 -7.02 -12.41 -0.56
N ASN A 55 -7.02 -13.46 -1.39
CA ASN A 55 -6.54 -14.81 -1.09
C ASN A 55 -6.20 -15.60 -2.38
N ILE A 1 -20.64 -3.68 6.50
CA ILE A 1 -19.15 -3.64 6.56
C ILE A 1 -18.59 -4.86 7.29
N GLN A 2 -17.37 -5.29 6.95
CA GLN A 2 -16.65 -6.37 7.63
C GLN A 2 -15.63 -5.80 8.63
N LYS A 3 -15.23 -6.60 9.62
CA LYS A 3 -14.32 -6.18 10.71
C LYS A 3 -12.92 -5.71 10.21
N GLY A 4 -12.50 -6.17 9.02
CA GLY A 4 -11.22 -5.82 8.38
C GLY A 4 -11.21 -4.51 7.58
N ASN A 5 -12.32 -3.75 7.55
CA ASN A 5 -12.40 -2.47 6.84
C ASN A 5 -11.46 -1.38 7.44
N PHE A 6 -11.12 -0.39 6.61
CA PHE A 6 -10.37 0.81 7.00
C PHE A 6 -10.90 2.07 6.32
N ARG A 7 -10.62 3.24 6.92
CA ARG A 7 -10.85 4.59 6.38
C ARG A 7 -9.84 4.98 5.29
N ASN A 8 -9.74 4.14 4.24
CA ASN A 8 -8.76 4.22 3.17
C ASN A 8 -9.12 5.24 2.06
N GLN A 9 -10.39 5.64 1.98
CA GLN A 9 -10.91 6.67 1.05
C GLN A 9 -11.97 7.57 1.73
N ARG A 10 -12.84 6.98 2.58
CA ARG A 10 -13.83 7.71 3.38
C ARG A 10 -13.15 8.54 4.47
N LYS A 11 -13.37 9.87 4.46
CA LYS A 11 -12.91 10.89 5.43
C LYS A 11 -11.38 11.13 5.51
N THR A 12 -10.55 10.19 5.05
CA THR A 12 -9.07 10.25 5.01
C THR A 12 -8.53 9.17 4.06
N VAL A 13 -7.22 8.97 4.08
CA VAL A 13 -6.45 8.07 3.21
C VAL A 13 -5.34 7.40 4.01
N LYS A 14 -5.11 6.09 3.80
CA LYS A 14 -4.23 5.25 4.63
C LYS A 14 -3.04 4.71 3.83
N CYS A 15 -1.81 5.00 4.27
CA CYS A 15 -0.56 4.59 3.59
C CYS A 15 -0.43 3.06 3.48
N PHE A 16 0.06 2.58 2.32
CA PHE A 16 0.34 1.17 2.09
C PHE A 16 1.70 0.72 2.68
N ASN A 17 2.68 1.63 2.81
CA ASN A 17 4.04 1.29 3.25
C ASN A 17 4.16 1.20 4.79
N CYS A 18 3.73 2.23 5.53
CA CYS A 18 3.81 2.26 7.00
C CYS A 18 2.48 1.96 7.71
N GLY A 19 1.36 2.00 6.99
CA GLY A 19 0.03 1.64 7.48
C GLY A 19 -0.77 2.79 8.11
N LYS A 20 -0.21 4.00 8.21
CA LYS A 20 -0.83 5.13 8.92
C LYS A 20 -1.67 6.04 8.02
N GLU A 21 -2.77 6.57 8.58
CA GLU A 21 -3.64 7.57 7.99
C GLU A 21 -3.01 8.94 7.75
N GLY A 22 -3.72 9.74 6.94
CA GLY A 22 -3.42 11.14 6.64
C GLY A 22 -2.49 11.37 5.45
N HIS A 23 -2.02 10.30 4.79
CA HIS A 23 -1.07 10.36 3.68
C HIS A 23 -1.05 9.07 2.82
N ILE A 24 -0.30 9.14 1.71
CA ILE A 24 -0.03 8.04 0.76
C ILE A 24 1.48 7.79 0.67
N ALA A 25 1.91 6.61 0.20
CA ALA A 25 3.33 6.24 0.13
C ALA A 25 4.20 7.21 -0.70
N LYS A 26 3.62 7.92 -1.68
CA LYS A 26 4.29 8.98 -2.46
C LYS A 26 4.67 10.21 -1.60
N ASN A 27 3.85 10.49 -0.59
CA ASN A 27 3.98 11.58 0.37
C ASN A 27 4.70 11.14 1.66
N CYS A 28 4.71 9.83 1.95
CA CYS A 28 5.36 9.20 3.10
C CYS A 28 6.87 9.48 3.22
N ARG A 29 7.35 9.55 4.47
CA ARG A 29 8.77 9.73 4.85
C ARG A 29 9.47 8.41 5.26
N ALA A 30 8.73 7.31 5.49
CA ALA A 30 9.30 6.05 5.95
C ALA A 30 10.23 5.38 4.90
N PRO A 31 11.24 4.61 5.35
CA PRO A 31 12.06 3.74 4.50
C PRO A 31 11.22 2.82 3.60
N ARG A 32 11.75 2.51 2.42
CA ARG A 32 11.06 1.75 1.37
C ARG A 32 11.64 0.33 1.27
N LYS A 33 10.74 -0.64 1.27
CA LYS A 33 11.01 -2.09 1.39
C LYS A 33 11.76 -2.71 0.19
N LYS A 34 12.09 -4.00 0.28
CA LYS A 34 12.64 -4.81 -0.83
C LYS A 34 11.54 -5.48 -1.70
N GLY A 35 10.31 -4.96 -1.63
CA GLY A 35 9.12 -5.49 -2.31
C GLY A 35 7.91 -4.55 -2.26
N CYS A 36 6.83 -5.01 -2.90
CA CYS A 36 5.56 -4.29 -3.09
C CYS A 36 4.86 -3.91 -1.78
N TRP A 37 4.24 -2.74 -1.74
CA TRP A 37 3.37 -2.32 -0.63
C TRP A 37 1.91 -2.79 -0.81
N LYS A 38 1.48 -3.10 -2.04
CA LYS A 38 0.09 -3.43 -2.37
C LYS A 38 -0.23 -4.94 -2.24
N CYS A 39 0.69 -5.84 -2.61
CA CYS A 39 0.55 -7.30 -2.38
C CYS A 39 1.58 -7.92 -1.42
N GLY A 40 2.73 -7.26 -1.18
CA GLY A 40 3.78 -7.69 -0.26
C GLY A 40 4.91 -8.51 -0.91
N LYS A 41 4.75 -8.98 -2.16
CA LYS A 41 5.75 -9.80 -2.84
C LYS A 41 6.93 -8.98 -3.41
N GLU A 42 8.08 -9.62 -3.60
CA GLU A 42 9.34 -8.97 -4.01
C GLU A 42 9.45 -8.77 -5.55
N GLY A 43 10.51 -8.05 -5.97
CA GLY A 43 10.93 -7.96 -7.37
C GLY A 43 10.20 -6.97 -8.27
N HIS A 44 9.28 -6.15 -7.74
CA HIS A 44 8.47 -5.21 -8.53
C HIS A 44 7.98 -4.00 -7.70
N GLN A 45 7.60 -2.92 -8.42
CA GLN A 45 6.88 -1.77 -7.87
C GLN A 45 5.37 -1.96 -8.11
N MET A 46 4.52 -1.44 -7.21
CA MET A 46 3.08 -1.74 -7.22
C MET A 46 2.29 -1.20 -8.42
N LYS A 47 2.87 -0.36 -9.29
CA LYS A 47 2.28 0.01 -10.59
C LYS A 47 2.44 -1.09 -11.68
N ASP A 48 3.39 -2.02 -11.52
CA ASP A 48 3.52 -3.22 -12.36
C ASP A 48 2.58 -4.35 -11.89
N CYS A 49 2.06 -4.22 -10.66
CA CYS A 49 1.17 -5.17 -9.96
C CYS A 49 -0.29 -5.11 -10.44
N THR A 50 -0.49 -5.04 -11.76
CA THR A 50 -1.78 -5.16 -12.45
C THR A 50 -2.13 -6.64 -12.68
N GLU A 51 -1.13 -7.43 -13.07
CA GLU A 51 -1.19 -8.89 -13.16
C GLU A 51 -0.73 -9.57 -11.86
N ARG A 52 -0.86 -10.91 -11.79
CA ARG A 52 -0.30 -11.75 -10.72
C ARG A 52 0.88 -12.58 -11.27
N GLN A 53 1.86 -12.88 -10.43
CA GLN A 53 3.04 -13.69 -10.77
C GLN A 53 3.39 -14.64 -9.62
N ALA A 54 3.93 -15.82 -9.96
CA ALA A 54 4.30 -16.92 -9.05
C ALA A 54 5.21 -17.95 -9.75
N ASN A 55 5.82 -18.84 -8.96
CA ASN A 55 6.74 -19.91 -9.41
C ASN A 55 6.75 -21.09 -8.41
N ILE A 1 -5.59 -15.57 4.29
CA ILE A 1 -6.70 -14.68 3.86
C ILE A 1 -6.18 -13.28 3.51
N GLN A 2 -6.91 -12.53 2.68
CA GLN A 2 -6.59 -11.14 2.35
C GLN A 2 -6.88 -10.19 3.54
N LYS A 3 -6.17 -9.06 3.60
CA LYS A 3 -6.29 -8.08 4.69
C LYS A 3 -7.64 -7.34 4.73
N GLY A 4 -8.33 -7.23 3.59
CA GLY A 4 -9.63 -6.56 3.43
C GLY A 4 -9.52 -5.07 3.11
N ASN A 5 -10.63 -4.47 2.69
CA ASN A 5 -10.75 -3.06 2.34
C ASN A 5 -10.96 -2.15 3.57
N PHE A 6 -10.54 -0.88 3.47
CA PHE A 6 -10.73 0.17 4.49
C PHE A 6 -11.39 1.43 3.88
N ARG A 7 -11.69 2.43 4.71
CA ARG A 7 -12.29 3.72 4.30
C ARG A 7 -11.32 4.68 3.58
N ASN A 8 -10.14 4.22 3.13
CA ASN A 8 -9.03 5.00 2.57
C ASN A 8 -9.27 5.69 1.20
N GLN A 9 -10.53 5.86 0.79
CA GLN A 9 -10.96 6.67 -0.35
C GLN A 9 -12.11 7.64 0.00
N ARG A 10 -12.77 7.48 1.16
CA ARG A 10 -13.94 8.24 1.60
C ARG A 10 -13.51 9.51 2.34
N LYS A 11 -12.80 10.40 1.62
CA LYS A 11 -12.09 11.60 2.10
C LYS A 11 -10.82 11.26 2.93
N THR A 12 -10.94 10.29 3.84
CA THR A 12 -9.85 9.62 4.57
C THR A 12 -8.93 8.90 3.59
N VAL A 13 -7.65 8.77 3.94
CA VAL A 13 -6.62 8.08 3.14
C VAL A 13 -5.58 7.45 4.07
N LYS A 14 -5.02 6.30 3.68
CA LYS A 14 -4.09 5.52 4.49
C LYS A 14 -2.94 4.93 3.66
N CYS A 15 -1.70 5.07 4.13
CA CYS A 15 -0.48 4.62 3.42
C CYS A 15 -0.40 3.10 3.26
N PHE A 16 0.09 2.64 2.11
CA PHE A 16 0.34 1.23 1.82
C PHE A 16 1.69 0.75 2.38
N ASN A 17 2.69 1.63 2.56
CA ASN A 17 4.02 1.25 3.05
C ASN A 17 4.06 1.09 4.58
N CYS A 18 3.69 2.14 5.34
CA CYS A 18 3.77 2.11 6.82
C CYS A 18 2.43 1.82 7.52
N GLY A 19 1.30 1.91 6.80
CA GLY A 19 -0.04 1.57 7.29
C GLY A 19 -0.76 2.71 8.00
N LYS A 20 -0.14 3.89 8.14
CA LYS A 20 -0.69 5.02 8.90
C LYS A 20 -1.54 5.98 8.06
N GLU A 21 -2.49 6.65 8.71
CA GLU A 21 -3.44 7.60 8.14
C GLU A 21 -2.85 8.93 7.65
N GLY A 22 -3.68 9.66 6.91
CA GLY A 22 -3.48 11.06 6.51
C GLY A 22 -2.52 11.28 5.33
N HIS A 23 -2.01 10.23 4.70
CA HIS A 23 -1.04 10.32 3.61
C HIS A 23 -1.01 9.05 2.72
N ILE A 24 -0.17 9.11 1.68
CA ILE A 24 0.10 8.05 0.70
C ILE A 24 1.61 7.81 0.60
N ALA A 25 2.06 6.63 0.12
CA ALA A 25 3.48 6.27 0.08
C ALA A 25 4.36 7.23 -0.75
N LYS A 26 3.78 7.95 -1.73
CA LYS A 26 4.44 9.02 -2.50
C LYS A 26 4.81 10.24 -1.64
N ASN A 27 4.01 10.51 -0.62
CA ASN A 27 4.13 11.61 0.34
C ASN A 27 4.81 11.16 1.67
N CYS A 28 4.84 9.85 1.93
CA CYS A 28 5.45 9.22 3.11
C CYS A 28 6.95 9.51 3.27
N ARG A 29 7.41 9.47 4.54
CA ARG A 29 8.81 9.62 4.96
C ARG A 29 9.41 8.36 5.63
N ALA A 30 8.63 7.28 5.79
CA ALA A 30 9.11 6.01 6.34
C ALA A 30 10.06 5.28 5.36
N PRO A 31 10.95 4.37 5.84
CA PRO A 31 11.83 3.59 4.98
C PRO A 31 11.02 2.66 4.08
N ARG A 32 11.46 2.54 2.83
CA ARG A 32 10.78 1.76 1.77
C ARG A 32 11.38 0.35 1.64
N LYS A 33 10.48 -0.62 1.46
CA LYS A 33 10.76 -2.07 1.52
C LYS A 33 11.56 -2.61 0.31
N LYS A 34 11.94 -3.89 0.36
CA LYS A 34 12.59 -4.63 -0.75
C LYS A 34 11.57 -5.27 -1.73
N GLY A 35 10.35 -4.73 -1.79
CA GLY A 35 9.23 -5.27 -2.56
C GLY A 35 7.98 -4.37 -2.58
N CYS A 36 6.95 -4.87 -3.24
CA CYS A 36 5.66 -4.22 -3.47
C CYS A 36 4.89 -3.93 -2.17
N TRP A 37 4.22 -2.77 -2.10
CA TRP A 37 3.31 -2.45 -0.99
C TRP A 37 1.86 -2.94 -1.23
N LYS A 38 1.48 -3.18 -2.49
CA LYS A 38 0.12 -3.56 -2.90
C LYS A 38 -0.16 -5.07 -2.71
N CYS A 39 0.83 -5.94 -2.95
CA CYS A 39 0.74 -7.39 -2.62
C CYS A 39 1.73 -7.91 -1.57
N GLY A 40 2.84 -7.21 -1.33
CA GLY A 40 3.88 -7.60 -0.34
C GLY A 40 5.05 -8.40 -0.93
N LYS A 41 4.95 -8.88 -2.18
CA LYS A 41 5.97 -9.73 -2.81
C LYS A 41 7.14 -8.90 -3.41
N GLU A 42 8.30 -9.51 -3.60
CA GLU A 42 9.54 -8.87 -4.05
C GLU A 42 9.65 -8.74 -5.59
N GLY A 43 10.68 -8.02 -6.05
CA GLY A 43 11.11 -7.97 -7.46
C GLY A 43 10.37 -6.99 -8.38
N HIS A 44 9.46 -6.16 -7.86
CA HIS A 44 8.64 -5.24 -8.65
C HIS A 44 8.11 -4.04 -7.83
N GLN A 45 7.66 -2.98 -8.52
CA GLN A 45 6.92 -1.85 -7.96
C GLN A 45 5.42 -2.03 -8.26
N MET A 46 4.56 -1.52 -7.37
CA MET A 46 3.12 -1.80 -7.41
C MET A 46 2.36 -1.27 -8.63
N LYS A 47 2.90 -0.33 -9.42
CA LYS A 47 2.33 0.06 -10.72
C LYS A 47 2.41 -1.04 -11.80
N ASP A 48 3.32 -2.01 -11.65
CA ASP A 48 3.40 -3.20 -12.51
C ASP A 48 2.46 -4.34 -12.03
N CYS A 49 1.84 -4.18 -10.85
CA CYS A 49 1.10 -5.22 -10.14
C CYS A 49 -0.43 -5.11 -10.28
N THR A 50 -1.09 -6.26 -10.43
CA THR A 50 -2.56 -6.39 -10.61
C THR A 50 -3.27 -6.47 -9.27
N GLU A 51 -3.13 -7.59 -8.57
CA GLU A 51 -3.90 -7.96 -7.37
C GLU A 51 -3.16 -8.97 -6.46
N ARG A 52 -3.60 -9.05 -5.20
CA ARG A 52 -3.06 -9.94 -4.16
C ARG A 52 -3.42 -11.42 -4.43
N GLN A 53 -2.73 -12.35 -3.75
CA GLN A 53 -3.11 -13.76 -3.69
C GLN A 53 -4.11 -13.94 -2.52
N ALA A 54 -4.15 -15.09 -1.85
CA ALA A 54 -4.89 -15.31 -0.61
C ALA A 54 -4.17 -14.69 0.63
N ASN A 55 -3.37 -13.64 0.42
CA ASN A 55 -2.44 -13.02 1.38
C ASN A 55 -2.73 -11.54 1.67
N ILE A 1 -12.15 -7.76 1.78
CA ILE A 1 -11.87 -6.68 0.78
C ILE A 1 -11.16 -5.49 1.43
N GLN A 2 -10.46 -4.67 0.62
CA GLN A 2 -9.72 -3.45 0.99
C GLN A 2 -8.35 -3.78 1.62
N LYS A 3 -7.42 -2.81 1.64
CA LYS A 3 -6.09 -2.92 2.26
C LYS A 3 -6.15 -3.23 3.78
N GLY A 4 -7.25 -2.83 4.46
CA GLY A 4 -7.55 -3.12 5.87
C GLY A 4 -8.96 -2.68 6.27
N ASN A 5 -9.34 -2.95 7.52
CA ASN A 5 -10.67 -2.64 8.08
C ASN A 5 -10.89 -1.12 8.37
N PHE A 6 -9.83 -0.31 8.26
CA PHE A 6 -9.81 1.14 8.49
C PHE A 6 -10.61 1.94 7.45
N ARG A 7 -10.72 3.26 7.66
CA ARG A 7 -11.29 4.22 6.71
C ARG A 7 -10.65 4.10 5.32
N ASN A 8 -9.32 4.18 5.23
CA ASN A 8 -8.44 3.89 4.07
C ASN A 8 -8.57 4.85 2.86
N GLN A 9 -9.80 5.24 2.51
CA GLN A 9 -10.17 6.18 1.45
C GLN A 9 -11.32 7.10 1.92
N ARG A 10 -12.33 6.54 2.62
CA ARG A 10 -13.54 7.25 3.04
C ARG A 10 -13.27 8.16 4.24
N LYS A 11 -13.36 9.48 4.06
CA LYS A 11 -13.12 10.57 5.04
C LYS A 11 -11.64 10.73 5.48
N THR A 12 -10.86 9.65 5.55
CA THR A 12 -9.44 9.61 5.94
C THR A 12 -8.70 8.64 5.03
N VAL A 13 -7.52 9.04 4.57
CA VAL A 13 -6.61 8.24 3.71
C VAL A 13 -5.53 7.55 4.57
N LYS A 14 -5.04 6.38 4.14
CA LYS A 14 -4.05 5.58 4.90
C LYS A 14 -2.92 5.03 4.01
N CYS A 15 -1.66 5.20 4.44
CA CYS A 15 -0.46 4.74 3.72
C CYS A 15 -0.36 3.22 3.58
N PHE A 16 0.11 2.74 2.43
CA PHE A 16 0.34 1.32 2.17
C PHE A 16 1.76 0.86 2.62
N ASN A 17 2.73 1.79 2.75
CA ASN A 17 4.12 1.47 3.12
C ASN A 17 4.29 1.34 4.64
N CYS A 18 4.09 2.43 5.39
CA CYS A 18 4.27 2.45 6.86
C CYS A 18 2.98 2.11 7.64
N GLY A 19 1.81 2.22 7.00
CA GLY A 19 0.51 1.83 7.55
C GLY A 19 -0.25 2.95 8.27
N LYS A 20 0.30 4.16 8.38
CA LYS A 20 -0.33 5.26 9.14
C LYS A 20 -1.29 6.11 8.29
N GLU A 21 -2.36 6.61 8.93
CA GLU A 21 -3.32 7.57 8.42
C GLU A 21 -2.72 8.95 8.06
N GLY A 22 -3.51 9.72 7.30
CA GLY A 22 -3.28 11.14 6.99
C GLY A 22 -2.41 11.40 5.76
N HIS A 23 -1.94 10.36 5.07
CA HIS A 23 -1.06 10.46 3.90
C HIS A 23 -1.08 9.19 3.02
N ILE A 24 -0.37 9.26 1.89
CA ILE A 24 -0.15 8.18 0.90
C ILE A 24 1.35 7.94 0.72
N ALA A 25 1.77 6.77 0.24
CA ALA A 25 3.19 6.40 0.12
C ALA A 25 4.02 7.36 -0.78
N LYS A 26 3.39 8.03 -1.75
CA LYS A 26 4.01 9.08 -2.58
C LYS A 26 4.40 10.33 -1.77
N ASN A 27 3.61 10.64 -0.75
CA ASN A 27 3.78 11.74 0.21
C ASN A 27 4.62 11.31 1.44
N CYS A 28 4.60 10.00 1.76
CA CYS A 28 5.41 9.37 2.81
C CYS A 28 6.92 9.56 2.61
N ARG A 29 7.66 9.62 3.73
CA ARG A 29 9.13 9.72 3.78
C ARG A 29 9.76 8.66 4.72
N ALA A 30 8.98 7.68 5.19
CA ALA A 30 9.49 6.51 5.91
C ALA A 30 10.30 5.58 4.98
N PRO A 31 11.20 4.72 5.52
CA PRO A 31 11.93 3.74 4.71
C PRO A 31 10.97 2.76 4.03
N ARG A 32 11.28 2.39 2.79
CA ARG A 32 10.40 1.60 1.92
C ARG A 32 10.81 0.11 1.92
N LYS A 33 9.79 -0.74 1.92
CA LYS A 33 9.91 -2.21 2.03
C LYS A 33 10.72 -2.86 0.87
N LYS A 34 11.13 -4.11 1.05
CA LYS A 34 11.89 -4.91 0.05
C LYS A 34 11.00 -5.54 -1.04
N GLY A 35 9.82 -4.95 -1.29
CA GLY A 35 8.81 -5.46 -2.24
C GLY A 35 7.56 -4.59 -2.34
N CYS A 36 6.62 -5.06 -3.17
CA CYS A 36 5.34 -4.45 -3.49
C CYS A 36 4.43 -4.25 -2.27
N TRP A 37 3.78 -3.09 -2.19
CA TRP A 37 2.79 -2.79 -1.15
C TRP A 37 1.37 -3.34 -1.47
N LYS A 38 1.12 -3.77 -2.71
CA LYS A 38 -0.21 -4.19 -3.19
C LYS A 38 -0.42 -5.73 -3.20
N CYS A 39 0.64 -6.53 -3.40
CA CYS A 39 0.61 -8.00 -3.20
C CYS A 39 1.56 -8.55 -2.13
N GLY A 40 2.65 -7.82 -1.82
CA GLY A 40 3.64 -8.18 -0.79
C GLY A 40 4.93 -8.80 -1.33
N LYS A 41 4.97 -9.29 -2.57
CA LYS A 41 6.15 -9.95 -3.13
C LYS A 41 7.27 -8.99 -3.59
N GLU A 42 8.47 -9.53 -3.72
CA GLU A 42 9.72 -8.84 -4.02
C GLU A 42 9.92 -8.56 -5.53
N GLY A 43 10.94 -7.76 -5.86
CA GLY A 43 11.46 -7.57 -7.22
C GLY A 43 10.68 -6.63 -8.14
N HIS A 44 9.65 -5.94 -7.66
CA HIS A 44 8.78 -5.08 -8.47
C HIS A 44 8.08 -3.96 -7.64
N GLN A 45 7.56 -2.95 -8.35
CA GLN A 45 6.74 -1.86 -7.80
C GLN A 45 5.25 -2.12 -8.12
N MET A 46 4.34 -1.62 -7.29
CA MET A 46 2.91 -1.94 -7.39
C MET A 46 2.20 -1.41 -8.66
N LYS A 47 2.83 -0.51 -9.44
CA LYS A 47 2.34 -0.12 -10.78
C LYS A 47 2.74 -1.11 -11.90
N ASP A 48 3.80 -1.90 -11.71
CA ASP A 48 4.14 -3.03 -12.60
C ASP A 48 3.27 -4.26 -12.27
N CYS A 49 2.76 -4.33 -11.03
CA CYS A 49 1.78 -5.30 -10.55
C CYS A 49 0.35 -5.05 -11.07
N THR A 50 -0.57 -5.98 -10.74
CA THR A 50 -1.99 -5.99 -11.14
C THR A 50 -2.86 -6.42 -9.97
N GLU A 51 -2.97 -7.73 -9.74
CA GLU A 51 -3.75 -8.37 -8.67
C GLU A 51 -2.86 -9.21 -7.74
N ARG A 52 -3.35 -9.50 -6.52
CA ARG A 52 -2.58 -10.21 -5.49
C ARG A 52 -2.09 -11.59 -5.94
N GLN A 53 -0.83 -11.91 -5.64
CA GLN A 53 -0.13 -13.10 -6.11
C GLN A 53 -0.16 -14.27 -5.10
N ALA A 54 -0.66 -14.06 -3.87
CA ALA A 54 -0.74 -15.06 -2.80
C ALA A 54 -1.94 -14.82 -1.86
N ASN A 55 -2.39 -15.88 -1.19
CA ASN A 55 -3.48 -15.87 -0.19
C ASN A 55 -2.95 -15.59 1.23
N ILE A 1 -9.09 -10.92 6.38
CA ILE A 1 -8.97 -9.44 6.39
C ILE A 1 -7.52 -9.01 6.05
N GLN A 2 -7.35 -7.84 5.43
CA GLN A 2 -6.05 -7.26 5.08
C GLN A 2 -6.15 -5.72 4.97
N LYS A 3 -5.01 -5.03 5.01
CA LYS A 3 -4.95 -3.56 4.95
C LYS A 3 -5.44 -2.97 3.61
N GLY A 4 -5.83 -1.69 3.62
CA GLY A 4 -6.22 -0.90 2.43
C GLY A 4 -7.69 -1.05 2.02
N ASN A 5 -8.48 -1.82 2.78
CA ASN A 5 -9.92 -2.07 2.54
C ASN A 5 -10.87 -1.16 3.36
N PHE A 6 -10.31 -0.19 4.08
CA PHE A 6 -11.04 0.73 4.97
C PHE A 6 -11.73 1.87 4.19
N ARG A 7 -12.11 2.96 4.88
CA ARG A 7 -12.62 4.20 4.27
C ARG A 7 -11.54 5.04 3.55
N ASN A 8 -10.32 4.50 3.42
CA ASN A 8 -9.11 5.15 2.88
C ASN A 8 -9.13 5.49 1.36
N GLN A 9 -10.28 5.36 0.69
CA GLN A 9 -10.48 5.79 -0.69
C GLN A 9 -11.65 6.80 -0.83
N ARG A 10 -12.28 7.22 0.29
CA ARG A 10 -13.48 8.05 0.31
C ARG A 10 -13.43 9.09 1.45
N LYS A 11 -13.56 8.67 2.72
CA LYS A 11 -13.64 9.57 3.88
C LYS A 11 -12.26 9.93 4.46
N THR A 12 -11.28 9.03 4.30
CA THR A 12 -9.88 9.15 4.78
C THR A 12 -8.91 8.76 3.66
N VAL A 13 -7.61 8.73 3.98
CA VAL A 13 -6.54 8.18 3.14
C VAL A 13 -5.48 7.57 4.07
N LYS A 14 -4.88 6.45 3.66
CA LYS A 14 -4.01 5.63 4.53
C LYS A 14 -2.89 4.97 3.74
N CYS A 15 -1.65 5.12 4.20
CA CYS A 15 -0.44 4.67 3.50
C CYS A 15 -0.35 3.15 3.34
N PHE A 16 0.08 2.70 2.15
CA PHE A 16 0.29 1.28 1.86
C PHE A 16 1.64 0.77 2.39
N ASN A 17 2.64 1.64 2.59
CA ASN A 17 3.98 1.26 3.04
C ASN A 17 4.04 1.10 4.58
N CYS A 18 3.83 2.18 5.34
CA CYS A 18 3.94 2.16 6.82
C CYS A 18 2.61 1.85 7.54
N GLY A 19 1.48 2.00 6.85
CA GLY A 19 0.14 1.64 7.33
C GLY A 19 -0.65 2.78 7.98
N LYS A 20 -0.06 3.98 8.17
CA LYS A 20 -0.67 5.07 8.93
C LYS A 20 -1.55 6.00 8.07
N GLU A 21 -2.58 6.58 8.70
CA GLU A 21 -3.51 7.54 8.14
C GLU A 21 -2.90 8.90 7.75
N GLY A 22 -3.69 9.69 7.01
CA GLY A 22 -3.42 11.09 6.69
C GLY A 22 -2.47 11.33 5.52
N HIS A 23 -1.99 10.29 4.84
CA HIS A 23 -1.02 10.37 3.75
C HIS A 23 -1.01 9.13 2.84
N ILE A 24 -0.18 9.20 1.79
CA ILE A 24 0.07 8.14 0.78
C ILE A 24 1.58 7.87 0.69
N ALA A 25 2.00 6.70 0.21
CA ALA A 25 3.42 6.31 0.15
C ALA A 25 4.30 7.26 -0.69
N LYS A 26 3.73 7.97 -1.66
CA LYS A 26 4.41 9.02 -2.45
C LYS A 26 4.81 10.25 -1.60
N ASN A 27 3.98 10.56 -0.60
CA ASN A 27 4.14 11.66 0.36
C ASN A 27 4.87 11.21 1.65
N CYS A 28 4.80 9.91 1.96
CA CYS A 28 5.45 9.27 3.13
C CYS A 28 6.95 9.55 3.25
N ARG A 29 7.44 9.59 4.50
CA ARG A 29 8.86 9.77 4.87
C ARG A 29 9.48 8.52 5.53
N ALA A 30 8.72 7.44 5.73
CA ALA A 30 9.23 6.18 6.30
C ALA A 30 10.14 5.42 5.29
N PRO A 31 11.03 4.53 5.76
CA PRO A 31 11.86 3.70 4.89
C PRO A 31 11.00 2.76 4.04
N ARG A 32 11.44 2.54 2.79
CA ARG A 32 10.71 1.76 1.78
C ARG A 32 11.27 0.34 1.66
N LYS A 33 10.34 -0.63 1.58
CA LYS A 33 10.60 -2.08 1.67
C LYS A 33 11.36 -2.66 0.45
N LYS A 34 11.75 -3.94 0.53
CA LYS A 34 12.41 -4.70 -0.56
C LYS A 34 11.39 -5.33 -1.56
N GLY A 35 10.20 -4.73 -1.70
CA GLY A 35 9.09 -5.26 -2.51
C GLY A 35 7.84 -4.38 -2.53
N CYS A 36 6.82 -4.88 -3.21
CA CYS A 36 5.52 -4.24 -3.46
C CYS A 36 4.74 -3.95 -2.18
N TRP A 37 4.13 -2.77 -2.08
CA TRP A 37 3.22 -2.43 -0.98
C TRP A 37 1.79 -2.96 -1.18
N LYS A 38 1.38 -3.23 -2.42
CA LYS A 38 0.01 -3.63 -2.76
C LYS A 38 -0.24 -5.15 -2.61
N CYS A 39 0.77 -5.99 -2.83
CA CYS A 39 0.68 -7.45 -2.59
C CYS A 39 1.73 -8.05 -1.63
N GLY A 40 2.86 -7.38 -1.41
CA GLY A 40 3.91 -7.80 -0.46
C GLY A 40 5.08 -8.59 -1.08
N LYS A 41 4.99 -9.07 -2.32
CA LYS A 41 6.08 -9.82 -2.97
C LYS A 41 7.19 -8.89 -3.51
N GLU A 42 8.40 -9.44 -3.64
CA GLU A 42 9.62 -8.74 -4.08
C GLU A 42 9.73 -8.61 -5.62
N GLY A 43 10.76 -7.90 -6.08
CA GLY A 43 11.18 -7.86 -7.49
C GLY A 43 10.39 -6.90 -8.40
N HIS A 44 9.46 -6.12 -7.87
CA HIS A 44 8.61 -5.21 -8.64
C HIS A 44 8.07 -4.02 -7.81
N GLN A 45 7.63 -2.96 -8.50
CA GLN A 45 6.89 -1.83 -7.93
C GLN A 45 5.39 -2.04 -8.18
N MET A 46 4.54 -1.53 -7.28
CA MET A 46 3.11 -1.85 -7.28
C MET A 46 2.30 -1.36 -8.50
N LYS A 47 2.84 -0.47 -9.34
CA LYS A 47 2.25 -0.10 -10.64
C LYS A 47 2.40 -1.18 -11.74
N ASP A 48 3.39 -2.08 -11.61
CA ASP A 48 3.57 -3.23 -12.52
C ASP A 48 2.66 -4.42 -12.14
N CYS A 49 2.04 -4.35 -10.96
CA CYS A 49 1.28 -5.42 -10.30
C CYS A 49 -0.23 -5.28 -10.51
N THR A 50 -0.91 -6.41 -10.80
CA THR A 50 -2.33 -6.46 -11.20
C THR A 50 -3.31 -6.66 -10.05
N GLU A 51 -2.94 -7.43 -9.03
CA GLU A 51 -3.82 -7.77 -7.89
C GLU A 51 -4.03 -6.58 -6.93
N ARG A 52 -5.14 -6.59 -6.19
CA ARG A 52 -5.63 -5.44 -5.40
C ARG A 52 -5.69 -5.73 -3.89
N GLN A 53 -5.65 -4.67 -3.07
CA GLN A 53 -5.85 -4.74 -1.61
C GLN A 53 -7.33 -4.87 -1.21
N ALA A 54 -8.26 -4.31 -2.00
CA ALA A 54 -9.71 -4.38 -1.79
C ALA A 54 -10.43 -5.04 -2.98
N ASN A 55 -11.61 -5.62 -2.73
CA ASN A 55 -12.44 -6.35 -3.70
C ASN A 55 -13.91 -6.45 -3.25
N ILE A 1 -17.45 1.18 -0.93
CA ILE A 1 -16.36 0.23 -1.29
C ILE A 1 -15.00 0.86 -1.02
N GLN A 2 -14.09 0.13 -0.35
CA GLN A 2 -12.77 0.61 0.08
C GLN A 2 -11.68 -0.39 -0.31
N LYS A 3 -10.42 0.04 -0.35
CA LYS A 3 -9.26 -0.79 -0.70
C LYS A 3 -8.76 -1.64 0.50
N GLY A 4 -9.64 -2.48 1.04
CA GLY A 4 -9.34 -3.44 2.10
C GLY A 4 -9.06 -2.74 3.43
N ASN A 5 -7.85 -2.96 3.96
CA ASN A 5 -7.37 -2.33 5.20
C ASN A 5 -7.18 -0.80 5.07
N PHE A 6 -6.99 -0.29 3.85
CA PHE A 6 -6.71 1.12 3.56
C PHE A 6 -7.96 1.84 3.02
N ARG A 7 -8.11 3.13 3.36
CA ARG A 7 -9.15 4.00 2.80
C ARG A 7 -8.71 4.60 1.47
N ASN A 8 -9.56 4.45 0.46
CA ASN A 8 -9.48 5.08 -0.87
C ASN A 8 -9.91 6.56 -0.85
N GLN A 9 -9.37 7.33 0.12
CA GLN A 9 -9.72 8.73 0.44
C GLN A 9 -11.15 8.90 1.00
N ARG A 10 -11.87 7.80 1.29
CA ARG A 10 -13.22 7.82 1.88
C ARG A 10 -13.14 8.21 3.36
N LYS A 11 -13.41 9.49 3.66
CA LYS A 11 -13.32 10.19 4.96
C LYS A 11 -11.88 10.42 5.44
N THR A 12 -11.03 9.38 5.31
CA THR A 12 -9.61 9.32 5.69
C THR A 12 -8.82 8.73 4.53
N VAL A 13 -7.49 8.81 4.56
CA VAL A 13 -6.57 8.13 3.62
C VAL A 13 -5.47 7.42 4.40
N LYS A 14 -4.99 6.26 3.92
CA LYS A 14 -4.05 5.39 4.64
C LYS A 14 -2.88 4.94 3.76
N CYS A 15 -1.63 5.11 4.21
CA CYS A 15 -0.41 4.72 3.48
C CYS A 15 -0.28 3.20 3.32
N PHE A 16 0.11 2.75 2.12
CA PHE A 16 0.35 1.34 1.82
C PHE A 16 1.74 0.87 2.30
N ASN A 17 2.72 1.78 2.44
CA ASN A 17 4.09 1.45 2.88
C ASN A 17 4.18 1.24 4.40
N CYS A 18 3.92 2.29 5.19
CA CYS A 18 4.07 2.24 6.66
C CYS A 18 2.78 1.91 7.42
N GLY A 19 1.61 2.04 6.78
CA GLY A 19 0.29 1.71 7.33
C GLY A 19 -0.42 2.84 8.06
N LYS A 20 0.23 4.00 8.25
CA LYS A 20 -0.35 5.12 9.03
C LYS A 20 -1.30 6.00 8.19
N GLU A 21 -2.23 6.66 8.88
CA GLU A 21 -3.21 7.60 8.35
C GLU A 21 -2.63 8.94 7.87
N GLY A 22 -3.50 9.68 7.17
CA GLY A 22 -3.32 11.09 6.79
C GLY A 22 -2.42 11.34 5.58
N HIS A 23 -1.89 10.29 4.93
CA HIS A 23 -0.99 10.40 3.78
C HIS A 23 -1.01 9.15 2.88
N ILE A 24 -0.25 9.22 1.78
CA ILE A 24 -0.04 8.16 0.79
C ILE A 24 1.46 7.90 0.62
N ALA A 25 1.87 6.73 0.13
CA ALA A 25 3.29 6.36 0.01
C ALA A 25 4.13 7.31 -0.85
N LYS A 26 3.52 8.00 -1.83
CA LYS A 26 4.16 9.05 -2.64
C LYS A 26 4.58 10.28 -1.81
N ASN A 27 3.81 10.57 -0.75
CA ASN A 27 4.00 11.68 0.19
C ASN A 27 4.75 11.25 1.48
N CYS A 28 4.77 9.94 1.76
CA CYS A 28 5.44 9.32 2.91
C CYS A 28 6.94 9.62 3.00
N ARG A 29 7.45 9.67 4.24
CA ARG A 29 8.86 9.89 4.60
C ARG A 29 9.51 8.69 5.32
N ALA A 30 8.77 7.60 5.58
CA ALA A 30 9.28 6.39 6.21
C ALA A 30 10.17 5.57 5.24
N PRO A 31 11.05 4.69 5.76
CA PRO A 31 11.83 3.77 4.92
C PRO A 31 10.91 2.80 4.16
N ARG A 32 11.31 2.46 2.93
CA ARG A 32 10.51 1.67 2.00
C ARG A 32 10.93 0.19 2.00
N LYS A 33 9.93 -0.69 2.01
CA LYS A 33 10.06 -2.15 2.13
C LYS A 33 10.91 -2.80 1.01
N LYS A 34 11.29 -4.07 1.21
CA LYS A 34 12.06 -4.89 0.24
C LYS A 34 11.18 -5.53 -0.86
N GLY A 35 10.00 -4.97 -1.11
CA GLY A 35 9.01 -5.47 -2.07
C GLY A 35 7.75 -4.61 -2.18
N CYS A 36 6.81 -5.09 -2.97
CA CYS A 36 5.52 -4.47 -3.32
C CYS A 36 4.64 -4.16 -2.10
N TRP A 37 3.96 -3.01 -2.11
CA TRP A 37 2.96 -2.64 -1.11
C TRP A 37 1.54 -3.13 -1.46
N LYS A 38 1.29 -3.51 -2.73
CA LYS A 38 -0.02 -3.87 -3.27
C LYS A 38 -0.30 -5.40 -3.24
N CYS A 39 0.74 -6.24 -3.33
CA CYS A 39 0.64 -7.71 -3.09
C CYS A 39 1.58 -8.25 -2.00
N GLY A 40 2.76 -7.67 -1.80
CA GLY A 40 3.77 -8.10 -0.81
C GLY A 40 4.99 -8.83 -1.38
N LYS A 41 4.96 -9.28 -2.64
CA LYS A 41 6.12 -9.95 -3.27
C LYS A 41 7.23 -8.97 -3.69
N GLU A 42 8.46 -9.47 -3.79
CA GLU A 42 9.65 -8.72 -4.19
C GLU A 42 9.80 -8.60 -5.74
N GLY A 43 10.81 -7.86 -6.19
CA GLY A 43 11.25 -7.82 -7.60
C GLY A 43 10.54 -6.81 -8.50
N HIS A 44 9.61 -6.02 -7.98
CA HIS A 44 8.78 -5.08 -8.76
C HIS A 44 8.22 -3.91 -7.92
N GLN A 45 7.78 -2.85 -8.59
CA GLN A 45 7.01 -1.74 -8.01
C GLN A 45 5.52 -1.92 -8.33
N MET A 46 4.63 -1.46 -7.43
CA MET A 46 3.21 -1.78 -7.50
C MET A 46 2.44 -1.21 -8.72
N LYS A 47 2.98 -0.26 -9.47
CA LYS A 47 2.42 0.18 -10.76
C LYS A 47 2.53 -0.88 -11.87
N ASP A 48 3.45 -1.84 -11.75
CA ASP A 48 3.56 -3.00 -12.63
C ASP A 48 2.65 -4.17 -12.19
N CYS A 49 2.00 -4.03 -11.02
CA CYS A 49 1.27 -5.10 -10.33
C CYS A 49 -0.26 -4.98 -10.41
N THR A 50 -0.94 -6.12 -10.23
CA THR A 50 -2.39 -6.30 -10.20
C THR A 50 -2.76 -7.30 -9.11
N GLU A 51 -2.13 -8.48 -9.15
CA GLU A 51 -2.27 -9.60 -8.23
C GLU A 51 -0.95 -10.40 -8.09
N ARG A 52 -0.90 -11.36 -7.17
CA ARG A 52 0.29 -12.19 -6.88
C ARG A 52 0.91 -12.89 -8.10
N GLN A 53 0.14 -13.14 -9.16
CA GLN A 53 0.61 -13.78 -10.41
C GLN A 53 1.33 -12.80 -11.37
N ALA A 54 1.35 -11.49 -11.10
CA ALA A 54 1.96 -10.47 -11.97
C ALA A 54 3.50 -10.49 -12.02
N ASN A 55 4.16 -11.18 -11.06
CA ASN A 55 5.62 -11.34 -10.97
C ASN A 55 6.02 -12.82 -10.86
N ILE A 1 -5.16 -7.53 6.91
CA ILE A 1 -6.26 -7.05 7.79
C ILE A 1 -7.48 -8.00 7.69
N GLN A 2 -7.84 -8.66 8.81
CA GLN A 2 -8.94 -9.65 8.86
C GLN A 2 -10.32 -9.00 8.68
N LYS A 3 -10.49 -7.75 9.10
CA LYS A 3 -11.73 -6.97 8.98
C LYS A 3 -12.09 -6.58 7.52
N GLY A 4 -11.15 -6.75 6.58
CA GLY A 4 -11.24 -6.25 5.20
C GLY A 4 -10.66 -4.83 5.07
N ASN A 5 -10.75 -4.24 3.87
CA ASN A 5 -10.14 -2.94 3.57
C ASN A 5 -10.63 -1.80 4.47
N PHE A 6 -9.76 -0.82 4.71
CA PHE A 6 -10.05 0.42 5.44
C PHE A 6 -10.86 1.40 4.56
N ARG A 7 -11.44 2.43 5.19
CA ARG A 7 -12.22 3.51 4.55
C ARG A 7 -11.34 4.55 3.82
N ASN A 8 -10.22 4.14 3.24
CA ASN A 8 -9.15 4.99 2.67
C ASN A 8 -9.49 5.78 1.39
N GLN A 9 -10.75 5.78 0.94
CA GLN A 9 -11.28 6.64 -0.11
C GLN A 9 -12.41 7.58 0.39
N ARG A 10 -12.94 7.35 1.60
CA ARG A 10 -14.04 8.12 2.19
C ARG A 10 -13.48 9.23 3.10
N LYS A 11 -13.08 10.34 2.47
CA LYS A 11 -12.54 11.59 3.09
C LYS A 11 -11.10 11.42 3.62
N THR A 12 -10.85 10.38 4.44
CA THR A 12 -9.52 9.97 4.91
C THR A 12 -8.81 9.09 3.88
N VAL A 13 -7.58 8.68 4.21
CA VAL A 13 -6.65 7.92 3.37
C VAL A 13 -5.55 7.31 4.25
N LYS A 14 -5.10 6.08 3.95
CA LYS A 14 -4.09 5.35 4.72
C LYS A 14 -2.94 4.84 3.83
N CYS A 15 -1.70 5.07 4.24
CA CYS A 15 -0.47 4.62 3.57
C CYS A 15 -0.37 3.10 3.42
N PHE A 16 0.05 2.63 2.24
CA PHE A 16 0.28 1.22 1.96
C PHE A 16 1.65 0.73 2.51
N ASN A 17 2.65 1.60 2.65
CA ASN A 17 3.99 1.22 3.11
C ASN A 17 4.06 1.10 4.64
N CYS A 18 3.68 2.15 5.38
CA CYS A 18 3.81 2.21 6.85
C CYS A 18 2.49 2.05 7.64
N GLY A 19 1.35 1.97 6.94
CA GLY A 19 0.04 1.59 7.50
C GLY A 19 -0.75 2.70 8.20
N LYS A 20 -0.31 3.96 8.11
CA LYS A 20 -0.85 5.08 8.89
C LYS A 20 -1.72 6.05 8.06
N GLU A 21 -2.73 6.63 8.70
CA GLU A 21 -3.65 7.64 8.17
C GLU A 21 -2.99 8.97 7.80
N GLY A 22 -3.72 9.76 7.00
CA GLY A 22 -3.44 11.15 6.66
C GLY A 22 -2.47 11.36 5.50
N HIS A 23 -1.98 10.29 4.88
CA HIS A 23 -1.03 10.34 3.76
C HIS A 23 -1.05 9.07 2.88
N ILE A 24 -0.28 9.13 1.78
CA ILE A 24 -0.04 8.06 0.80
C ILE A 24 1.46 7.81 0.65
N ALA A 25 1.88 6.65 0.15
CA ALA A 25 3.30 6.29 0.06
C ALA A 25 4.14 7.25 -0.80
N LYS A 26 3.54 7.96 -1.76
CA LYS A 26 4.18 9.03 -2.55
C LYS A 26 4.58 10.24 -1.70
N ASN A 27 3.79 10.53 -0.67
CA ASN A 27 3.96 11.61 0.32
C ASN A 27 4.77 11.13 1.55
N CYS A 28 4.72 9.82 1.84
CA CYS A 28 5.44 9.17 2.94
C CYS A 28 6.96 9.38 2.91
N ARG A 29 7.57 9.36 4.10
CA ARG A 29 9.00 9.51 4.36
C ARG A 29 9.60 8.31 5.13
N ALA A 30 8.83 7.25 5.39
CA ALA A 30 9.32 6.00 5.97
C ALA A 30 10.22 5.22 4.96
N PRO A 31 11.12 4.33 5.43
CA PRO A 31 11.97 3.54 4.56
C PRO A 31 11.15 2.58 3.68
N ARG A 32 11.59 2.41 2.43
CA ARG A 32 10.90 1.62 1.41
C ARG A 32 11.51 0.21 1.30
N LYS A 33 10.62 -0.78 1.22
CA LYS A 33 10.96 -2.23 1.25
C LYS A 33 11.73 -2.72 0.00
N LYS A 34 12.09 -4.01 -0.02
CA LYS A 34 12.61 -4.73 -1.19
C LYS A 34 11.48 -5.37 -2.05
N GLY A 35 10.24 -4.87 -1.89
CA GLY A 35 9.02 -5.44 -2.45
C GLY A 35 7.81 -4.52 -2.43
N CYS A 36 6.77 -4.99 -3.10
CA CYS A 36 5.48 -4.32 -3.33
C CYS A 36 4.70 -4.01 -2.06
N TRP A 37 4.08 -2.82 -1.99
CA TRP A 37 3.16 -2.45 -0.89
C TRP A 37 1.70 -2.91 -1.15
N LYS A 38 1.37 -3.26 -2.40
CA LYS A 38 0.00 -3.60 -2.83
C LYS A 38 -0.32 -5.10 -2.70
N CYS A 39 0.65 -6.00 -2.95
CA CYS A 39 0.51 -7.46 -2.67
C CYS A 39 1.49 -8.02 -1.62
N GLY A 40 2.63 -7.35 -1.37
CA GLY A 40 3.62 -7.73 -0.35
C GLY A 40 4.84 -8.48 -0.88
N LYS A 41 4.80 -9.02 -2.11
CA LYS A 41 5.90 -9.83 -2.66
C LYS A 41 7.08 -9.00 -3.21
N GLU A 42 8.26 -9.61 -3.28
CA GLU A 42 9.54 -8.94 -3.59
C GLU A 42 9.77 -8.65 -5.09
N GLY A 43 10.78 -7.82 -5.37
CA GLY A 43 11.35 -7.62 -6.71
C GLY A 43 10.57 -6.75 -7.70
N HIS A 44 9.52 -6.03 -7.29
CA HIS A 44 8.71 -5.21 -8.19
C HIS A 44 8.05 -3.99 -7.49
N GLN A 45 7.66 -2.98 -8.29
CA GLN A 45 6.89 -1.82 -7.85
C GLN A 45 5.40 -2.03 -8.14
N MET A 46 4.52 -1.49 -7.30
CA MET A 46 3.08 -1.77 -7.33
C MET A 46 2.31 -1.23 -8.55
N LYS A 47 2.91 -0.35 -9.38
CA LYS A 47 2.33 0.05 -10.67
C LYS A 47 2.53 -1.00 -11.79
N ASP A 48 3.54 -1.87 -11.69
CA ASP A 48 3.69 -3.04 -12.57
C ASP A 48 2.75 -4.18 -12.14
N CYS A 49 2.36 -4.20 -10.86
CA CYS A 49 1.46 -5.17 -10.26
C CYS A 49 -0.03 -4.88 -10.55
N THR A 50 -0.70 -5.79 -11.27
CA THR A 50 -2.15 -5.73 -11.54
C THR A 50 -2.91 -6.24 -10.34
N GLU A 51 -2.75 -7.53 -10.05
CA GLU A 51 -3.31 -8.27 -8.92
C GLU A 51 -2.40 -9.44 -8.54
N ARG A 52 -2.53 -9.94 -7.30
CA ARG A 52 -1.73 -11.08 -6.81
C ARG A 52 -2.16 -12.38 -7.51
N GLN A 53 -1.31 -12.87 -8.41
CA GLN A 53 -1.44 -14.18 -9.06
C GLN A 53 -0.90 -15.29 -8.15
N ALA A 54 -1.20 -16.56 -8.49
CA ALA A 54 -0.71 -17.74 -7.77
C ALA A 54 0.82 -17.97 -7.91
N ASN A 55 1.48 -17.25 -8.82
CA ASN A 55 2.93 -17.18 -8.99
C ASN A 55 3.63 -16.55 -7.77
N ILE A 1 -17.10 -0.54 0.18
CA ILE A 1 -15.78 -1.21 0.03
C ILE A 1 -14.64 -0.18 -0.01
N GLN A 2 -13.45 -0.54 0.48
CA GLN A 2 -12.23 0.27 0.39
C GLN A 2 -11.02 -0.64 0.07
N LYS A 3 -9.93 -0.07 -0.45
CA LYS A 3 -8.67 -0.79 -0.69
C LYS A 3 -7.98 -1.27 0.60
N GLY A 4 -8.22 -0.59 1.74
CA GLY A 4 -7.74 -0.96 3.08
C GLY A 4 -8.87 -1.48 3.99
N ASN A 5 -8.49 -2.20 5.06
CA ASN A 5 -9.43 -2.76 6.04
C ASN A 5 -10.10 -1.67 6.92
N PHE A 6 -9.32 -0.66 7.32
CA PHE A 6 -9.75 0.50 8.11
C PHE A 6 -10.11 1.68 7.17
N ARG A 7 -10.25 2.90 7.70
CA ARG A 7 -10.35 4.10 6.86
C ARG A 7 -9.10 4.20 5.96
N ASN A 8 -9.31 4.33 4.66
CA ASN A 8 -8.27 4.37 3.64
C ASN A 8 -8.66 5.23 2.43
N GLN A 9 -9.96 5.40 2.16
CA GLN A 9 -10.51 6.23 1.08
C GLN A 9 -11.71 7.05 1.60
N ARG A 10 -12.53 6.47 2.49
CA ARG A 10 -13.66 7.12 3.15
C ARG A 10 -13.20 7.90 4.39
N LYS A 11 -13.43 9.22 4.40
CA LYS A 11 -13.20 10.19 5.49
C LYS A 11 -11.71 10.46 5.85
N THR A 12 -10.84 9.45 5.79
CA THR A 12 -9.39 9.52 6.12
C THR A 12 -8.62 8.63 5.16
N VAL A 13 -7.44 9.08 4.72
CA VAL A 13 -6.52 8.33 3.84
C VAL A 13 -5.41 7.68 4.67
N LYS A 14 -4.90 6.51 4.26
CA LYS A 14 -3.95 5.70 5.03
C LYS A 14 -2.86 5.06 4.16
N CYS A 15 -1.59 5.18 4.55
CA CYS A 15 -0.41 4.71 3.81
C CYS A 15 -0.35 3.19 3.64
N PHE A 16 0.05 2.72 2.46
CA PHE A 16 0.30 1.31 2.18
C PHE A 16 1.72 0.86 2.63
N ASN A 17 2.70 1.77 2.66
CA ASN A 17 4.09 1.45 3.01
C ASN A 17 4.29 1.28 4.53
N CYS A 18 3.92 2.30 5.33
CA CYS A 18 4.13 2.32 6.78
C CYS A 18 2.87 2.17 7.64
N GLY A 19 1.69 2.12 7.01
CA GLY A 19 0.41 1.76 7.65
C GLY A 19 -0.33 2.88 8.37
N LYS A 20 0.09 4.14 8.24
CA LYS A 20 -0.41 5.27 9.05
C LYS A 20 -1.32 6.23 8.28
N GLU A 21 -2.31 6.80 8.97
CA GLU A 21 -3.24 7.82 8.50
C GLU A 21 -2.60 9.16 8.12
N GLY A 22 -3.35 9.94 7.33
CA GLY A 22 -3.07 11.34 7.00
C GLY A 22 -2.14 11.55 5.81
N HIS A 23 -1.74 10.49 5.11
CA HIS A 23 -0.81 10.53 3.98
C HIS A 23 -0.89 9.25 3.10
N ILE A 24 -0.18 9.26 1.97
CA ILE A 24 -0.04 8.12 1.03
C ILE A 24 1.44 7.85 0.76
N ALA A 25 1.79 6.65 0.29
CA ALA A 25 3.19 6.28 0.08
C ALA A 25 3.96 7.23 -0.87
N LYS A 26 3.27 7.91 -1.79
CA LYS A 26 3.85 8.93 -2.69
C LYS A 26 4.43 10.15 -1.94
N ASN A 27 3.81 10.56 -0.83
CA ASN A 27 4.25 11.68 0.02
C ASN A 27 4.69 11.25 1.45
N CYS A 28 4.76 9.95 1.71
CA CYS A 28 5.35 9.34 2.91
C CYS A 28 6.83 9.70 3.12
N ARG A 29 7.25 9.76 4.38
CA ARG A 29 8.64 10.04 4.82
C ARG A 29 9.39 8.80 5.31
N ALA A 30 8.72 7.66 5.52
CA ALA A 30 9.32 6.42 6.04
C ALA A 30 10.18 5.69 4.96
N PRO A 31 11.14 4.84 5.36
CA PRO A 31 11.89 3.98 4.44
C PRO A 31 10.96 2.96 3.78
N ARG A 32 11.29 2.57 2.54
CA ARG A 32 10.46 1.72 1.69
C ARG A 32 10.90 0.26 1.74
N LYS A 33 9.92 -0.64 1.75
CA LYS A 33 10.09 -2.10 1.86
C LYS A 33 10.88 -2.74 0.71
N LYS A 34 11.27 -4.01 0.85
CA LYS A 34 11.99 -4.81 -0.16
C LYS A 34 11.07 -5.44 -1.23
N GLY A 35 9.87 -4.89 -1.43
CA GLY A 35 8.84 -5.40 -2.33
C GLY A 35 7.57 -4.55 -2.39
N CYS A 36 6.61 -5.04 -3.18
CA CYS A 36 5.30 -4.46 -3.45
C CYS A 36 4.46 -4.24 -2.18
N TRP A 37 3.79 -3.09 -2.08
CA TRP A 37 2.84 -2.79 -1.00
C TRP A 37 1.43 -3.36 -1.24
N LYS A 38 1.09 -3.75 -2.48
CA LYS A 38 -0.26 -4.18 -2.87
C LYS A 38 -0.46 -5.71 -2.82
N CYS A 39 0.56 -6.51 -3.13
CA CYS A 39 0.55 -7.99 -2.92
C CYS A 39 1.57 -8.52 -1.90
N GLY A 40 2.64 -7.77 -1.62
CA GLY A 40 3.68 -8.13 -0.63
C GLY A 40 4.95 -8.75 -1.22
N LYS A 41 4.92 -9.25 -2.47
CA LYS A 41 6.08 -9.93 -3.07
C LYS A 41 7.19 -8.98 -3.56
N GLU A 42 8.39 -9.55 -3.73
CA GLU A 42 9.64 -8.88 -4.08
C GLU A 42 9.79 -8.62 -5.59
N GLY A 43 10.82 -7.84 -5.96
CA GLY A 43 11.29 -7.66 -7.35
C GLY A 43 10.49 -6.73 -8.25
N HIS A 44 9.47 -6.03 -7.73
CA HIS A 44 8.59 -5.15 -8.51
C HIS A 44 7.96 -4.01 -7.69
N GLN A 45 7.49 -2.96 -8.39
CA GLN A 45 6.68 -1.87 -7.83
C GLN A 45 5.19 -2.16 -8.07
N MET A 46 4.30 -1.65 -7.22
CA MET A 46 2.87 -2.01 -7.25
C MET A 46 2.10 -1.53 -8.50
N LYS A 47 2.68 -0.68 -9.36
CA LYS A 47 2.14 -0.36 -10.70
C LYS A 47 2.52 -1.39 -11.79
N ASP A 48 3.64 -2.09 -11.63
CA ASP A 48 4.03 -3.23 -12.48
C ASP A 48 3.22 -4.50 -12.12
N CYS A 49 2.68 -4.52 -10.89
CA CYS A 49 1.70 -5.50 -10.39
C CYS A 49 0.32 -5.30 -11.03
N THR A 50 0.19 -5.69 -12.31
CA THR A 50 -1.06 -5.62 -13.10
C THR A 50 -2.06 -6.65 -12.60
N GLU A 51 -1.77 -7.93 -12.82
CA GLU A 51 -2.51 -9.09 -12.31
C GLU A 51 -1.68 -9.90 -11.30
N ARG A 52 -2.39 -10.71 -10.49
CA ARG A 52 -1.83 -11.69 -9.54
C ARG A 52 -2.47 -13.06 -9.79
N GLN A 53 -1.74 -14.14 -9.54
CA GLN A 53 -2.18 -15.54 -9.74
C GLN A 53 -1.81 -16.40 -8.51
N ALA A 54 -2.60 -17.45 -8.27
CA ALA A 54 -2.37 -18.42 -7.19
C ALA A 54 -1.35 -19.51 -7.57
N ASN A 55 -0.79 -20.19 -6.55
CA ASN A 55 0.14 -21.33 -6.68
C ASN A 55 -0.64 -22.67 -6.75
N ILE A 1 -10.73 -8.89 13.36
CA ILE A 1 -10.14 -7.79 12.56
C ILE A 1 -10.09 -8.14 11.07
N GLN A 2 -10.13 -7.14 10.18
CA GLN A 2 -10.06 -7.32 8.72
C GLN A 2 -9.59 -6.04 8.02
N LYS A 3 -9.19 -6.15 6.75
CA LYS A 3 -8.62 -5.04 5.95
C LYS A 3 -9.55 -3.82 5.85
N GLY A 4 -10.87 -4.04 5.72
CA GLY A 4 -11.90 -3.00 5.57
C GLY A 4 -12.32 -2.30 6.87
N ASN A 5 -11.71 -2.65 8.02
CA ASN A 5 -11.99 -2.01 9.32
C ASN A 5 -11.59 -0.52 9.35
N PHE A 6 -10.51 -0.14 8.64
CA PHE A 6 -9.88 1.18 8.73
C PHE A 6 -10.32 2.12 7.60
N ARG A 7 -10.30 3.42 7.88
CA ARG A 7 -10.51 4.49 6.88
C ARG A 7 -9.24 4.69 6.04
N ASN A 8 -9.31 4.31 4.77
CA ASN A 8 -8.24 4.49 3.76
C ASN A 8 -8.69 5.31 2.53
N GLN A 9 -9.95 5.75 2.48
CA GLN A 9 -10.56 6.51 1.38
C GLN A 9 -11.61 7.49 1.92
N ARG A 10 -12.62 6.99 2.66
CA ARG A 10 -13.70 7.81 3.23
C ARG A 10 -13.19 8.58 4.45
N LYS A 11 -13.25 9.91 4.41
CA LYS A 11 -12.86 10.88 5.47
C LYS A 11 -11.34 10.97 5.74
N THR A 12 -10.64 9.83 5.75
CA THR A 12 -9.20 9.69 6.07
C THR A 12 -8.55 8.71 5.08
N VAL A 13 -7.31 9.02 4.67
CA VAL A 13 -6.47 8.17 3.80
C VAL A 13 -5.38 7.48 4.63
N LYS A 14 -4.99 6.26 4.27
CA LYS A 14 -3.95 5.47 4.95
C LYS A 14 -2.88 4.96 3.97
N CYS A 15 -1.59 5.15 4.31
CA CYS A 15 -0.44 4.68 3.54
C CYS A 15 -0.36 3.16 3.43
N PHE A 16 0.06 2.63 2.26
CA PHE A 16 0.28 1.21 2.04
C PHE A 16 1.70 0.76 2.47
N ASN A 17 2.68 1.66 2.53
CA ASN A 17 4.07 1.34 2.90
C ASN A 17 4.22 1.14 4.41
N CYS A 18 3.88 2.15 5.22
CA CYS A 18 4.06 2.12 6.69
C CYS A 18 2.76 1.84 7.48
N GLY A 19 1.60 1.90 6.82
CA GLY A 19 0.28 1.55 7.41
C GLY A 19 -0.40 2.68 8.19
N LYS A 20 0.14 3.90 8.15
CA LYS A 20 -0.34 5.04 8.96
C LYS A 20 -1.19 6.05 8.16
N GLU A 21 -2.12 6.70 8.85
CA GLU A 21 -3.04 7.72 8.34
C GLU A 21 -2.38 9.04 7.90
N GLY A 22 -3.18 9.84 7.18
CA GLY A 22 -2.91 11.24 6.84
C GLY A 22 -2.03 11.47 5.61
N HIS A 23 -1.59 10.40 4.93
CA HIS A 23 -0.67 10.46 3.79
C HIS A 23 -0.76 9.19 2.91
N ILE A 24 -0.01 9.17 1.80
CA ILE A 24 0.13 8.04 0.87
C ILE A 24 1.61 7.76 0.60
N ALA A 25 1.96 6.57 0.14
CA ALA A 25 3.36 6.18 -0.05
C ALA A 25 4.17 7.12 -0.98
N LYS A 26 3.49 7.84 -1.89
CA LYS A 26 4.09 8.86 -2.76
C LYS A 26 4.70 10.05 -1.99
N ASN A 27 4.04 10.50 -0.92
CA ASN A 27 4.48 11.60 -0.05
C ASN A 27 4.90 11.15 1.38
N CYS A 28 4.86 9.84 1.66
CA CYS A 28 5.42 9.20 2.87
C CYS A 28 6.89 9.56 3.13
N ARG A 29 7.28 9.58 4.41
CA ARG A 29 8.65 9.87 4.89
C ARG A 29 9.33 8.64 5.54
N ALA A 30 8.65 7.51 5.66
CA ALA A 30 9.22 6.25 6.18
C ALA A 30 10.09 5.53 5.12
N PRO A 31 11.02 4.64 5.52
CA PRO A 31 11.79 3.84 4.57
C PRO A 31 10.87 2.86 3.82
N ARG A 32 11.17 2.65 2.54
CA ARG A 32 10.38 1.80 1.63
C ARG A 32 10.93 0.36 1.60
N LYS A 33 9.99 -0.59 1.58
CA LYS A 33 10.25 -2.05 1.62
C LYS A 33 11.07 -2.58 0.44
N LYS A 34 11.50 -3.85 0.51
CA LYS A 34 12.18 -4.57 -0.59
C LYS A 34 11.19 -5.27 -1.56
N GLY A 35 9.93 -4.82 -1.58
CA GLY A 35 8.82 -5.41 -2.34
C GLY A 35 7.56 -4.56 -2.39
N CYS A 36 6.56 -5.11 -3.06
CA CYS A 36 5.26 -4.50 -3.34
C CYS A 36 4.43 -4.17 -2.10
N TRP A 37 3.76 -3.01 -2.11
CA TRP A 37 2.80 -2.63 -1.06
C TRP A 37 1.37 -3.16 -1.31
N LYS A 38 1.04 -3.56 -2.55
CA LYS A 38 -0.30 -4.01 -2.94
C LYS A 38 -0.51 -5.53 -2.78
N CYS A 39 0.50 -6.36 -3.07
CA CYS A 39 0.44 -7.82 -2.88
C CYS A 39 1.48 -8.43 -1.93
N GLY A 40 2.60 -7.74 -1.69
CA GLY A 40 3.64 -8.14 -0.72
C GLY A 40 4.82 -8.92 -1.29
N LYS A 41 4.79 -9.36 -2.56
CA LYS A 41 5.95 -10.06 -3.18
C LYS A 41 7.10 -9.09 -3.52
N GLU A 42 8.33 -9.63 -3.60
CA GLU A 42 9.58 -8.86 -3.69
C GLU A 42 9.84 -8.18 -5.04
N GLY A 43 10.76 -7.21 -5.03
CA GLY A 43 11.37 -6.58 -6.21
C GLY A 43 10.53 -5.53 -6.94
N HIS A 44 9.32 -5.88 -7.35
CA HIS A 44 8.50 -5.05 -8.25
C HIS A 44 7.81 -3.85 -7.57
N GLN A 45 7.50 -2.81 -8.36
CA GLN A 45 6.67 -1.68 -7.96
C GLN A 45 5.18 -1.98 -8.23
N MET A 46 4.29 -1.48 -7.36
CA MET A 46 2.87 -1.88 -7.38
C MET A 46 2.06 -1.40 -8.61
N LYS A 47 2.61 -0.54 -9.47
CA LYS A 47 2.02 -0.20 -10.78
C LYS A 47 2.34 -1.23 -11.89
N ASP A 48 3.46 -1.96 -11.77
CA ASP A 48 3.78 -3.10 -12.66
C ASP A 48 2.99 -4.36 -12.25
N CYS A 49 2.62 -4.44 -10.98
CA CYS A 49 1.77 -5.46 -10.38
C CYS A 49 0.31 -5.42 -10.89
N THR A 50 -0.19 -6.56 -11.38
CA THR A 50 -1.52 -6.69 -12.03
C THR A 50 -2.67 -6.88 -11.04
N GLU A 51 -2.42 -7.58 -9.94
CA GLU A 51 -3.47 -8.00 -8.99
C GLU A 51 -3.90 -6.87 -8.02
N ARG A 52 -5.13 -6.95 -7.52
CA ARG A 52 -5.73 -5.97 -6.58
C ARG A 52 -5.55 -6.34 -5.11
N GLN A 53 -5.91 -5.41 -4.21
CA GLN A 53 -6.03 -5.67 -2.76
C GLN A 53 -7.35 -6.43 -2.49
N ALA A 54 -7.46 -7.06 -1.31
CA ALA A 54 -8.61 -7.89 -0.91
C ALA A 54 -8.80 -7.93 0.62
N ASN A 55 -10.01 -8.30 1.05
CA ASN A 55 -10.43 -8.46 2.46
C ASN A 55 -10.79 -9.92 2.77
#